data_4TSO
#
_entry.id   4TSO
#
_cell.length_a   131.059
_cell.length_b   131.059
_cell.length_c   49.450
_cell.angle_alpha   90.00
_cell.angle_beta   90.00
_cell.angle_gamma   120.00
#
_symmetry.space_group_name_H-M   'P 3 2 1'
#
loop_
_entity.id
_entity.type
_entity.pdbx_description
1 polymer 'Fragaceatoxin C'
2 non-polymer 1,2-dihexanoyl-sn-glycero-3-phosphocholine
3 non-polymer 'SULFATE ION'
4 non-polymer 'PHOSPHATE ION'
5 water water
#
_entity_poly.entity_id   1
_entity_poly.type   'polypeptide(L)'
_entity_poly.pdbx_seq_one_letter_code
;SADVAGAVIDGAGLGFDVLKTVLEALGNVKRKIAVGIDNESGKTWTAMNTYFRSGTSDIVLPHKVAHGKALLYNGQKNRG
PVATGVVGVIAYSMSDGNTLAVLFSVPYDYNWYSNWWNVRVYKGQKRADQRMYEELYYHRSPFRGDNGWHSRGLGYGLKS
RGFMNSSGHAILEIHVTKA
;
_entity_poly.pdbx_strand_id   A,B
#
loop_
_chem_comp.id
_chem_comp.type
_chem_comp.name
_chem_comp.formula
HXG non-polymer 1,2-dihexanoyl-sn-glycero-3-phosphocholine 'C20 H41 N O8 P 1'
PO4 non-polymer 'PHOSPHATE ION' 'O4 P -3'
SO4 non-polymer 'SULFATE ION' 'O4 S -2'
#
# COMPACT_ATOMS: atom_id res chain seq x y z
N ASP A 3 11.17 18.53 -4.38
CA ASP A 3 10.16 17.44 -4.40
C ASP A 3 9.07 17.68 -3.34
N VAL A 4 8.37 18.80 -3.47
CA VAL A 4 7.24 19.14 -2.62
C VAL A 4 5.95 19.24 -3.45
N ALA A 5 4.81 19.08 -2.79
CA ALA A 5 3.53 19.34 -3.42
C ALA A 5 3.48 20.80 -3.88
N GLY A 6 2.87 21.04 -5.04
CA GLY A 6 2.82 22.37 -5.66
C GLY A 6 3.87 22.51 -6.74
N ALA A 7 4.73 21.50 -6.87
CA ALA A 7 5.90 21.58 -7.75
C ALA A 7 5.84 20.54 -8.86
N VAL A 8 6.66 20.80 -9.89
CA VAL A 8 6.82 19.84 -10.98
C VAL A 8 8.23 19.26 -10.91
N ILE A 9 8.33 17.97 -11.15
CA ILE A 9 9.61 17.29 -11.26
C ILE A 9 9.68 16.63 -12.62
N ASP A 10 10.81 16.04 -12.95
CA ASP A 10 10.91 15.23 -14.17
C ASP A 10 10.05 13.98 -13.99
N GLY A 11 9.26 13.68 -15.02
CA GLY A 11 8.30 12.58 -14.97
C GLY A 11 8.88 11.22 -14.64
N ALA A 12 10.06 10.94 -15.19
CA ALA A 12 10.69 9.64 -14.97
C ALA A 12 11.06 9.41 -13.50
N GLY A 13 11.18 10.49 -12.73
CA GLY A 13 11.45 10.42 -11.29
C GLY A 13 10.22 10.25 -10.41
N LEU A 14 9.02 10.22 -11.00
CA LEU A 14 7.81 9.97 -10.23
C LEU A 14 7.78 8.51 -9.80
N GLY A 15 7.51 8.30 -8.51
CA GLY A 15 7.37 6.97 -7.94
C GLY A 15 6.83 7.02 -6.51
N PHE A 16 6.73 5.86 -5.88
CA PHE A 16 6.17 5.79 -4.53
C PHE A 16 7.00 6.60 -3.53
N ASP A 17 8.32 6.55 -3.64
CA ASP A 17 9.21 7.31 -2.75
C ASP A 17 8.90 8.81 -2.68
N VAL A 18 8.73 9.43 -3.84
CA VAL A 18 8.43 10.86 -3.90
C VAL A 18 7.05 11.17 -3.34
N LEU A 19 6.10 10.28 -3.58
CA LEU A 19 4.74 10.51 -3.10
C LEU A 19 4.63 10.26 -1.60
N LYS A 20 5.29 9.21 -1.11
CA LYS A 20 5.39 8.95 0.32
C LYS A 20 5.97 10.13 1.12
N THR A 21 6.98 10.80 0.56
CA THR A 21 7.59 11.98 1.16
C THR A 21 6.61 13.15 1.22
N VAL A 22 5.85 13.32 0.14
CA VAL A 22 4.78 14.32 0.12
C VAL A 22 3.71 13.95 1.17
N LEU A 23 3.35 12.66 1.22
CA LEU A 23 2.34 12.15 2.16
C LEU A 23 2.77 12.38 3.61
N GLU A 24 4.00 11.99 3.92
CA GLU A 24 4.55 12.09 5.28
C GLU A 24 4.66 13.55 5.75
N ALA A 25 4.87 14.48 4.82
CA ALA A 25 5.01 15.90 5.16
C ALA A 25 3.72 16.55 5.72
N LEU A 26 2.55 15.99 5.38
CA LEU A 26 1.25 16.55 5.85
C LEU A 26 0.96 16.32 7.34
N GLY A 27 1.74 15.47 8.00
CA GLY A 27 1.55 15.19 9.44
C GLY A 27 0.51 14.12 9.74
N ASN A 28 0.28 13.89 11.02
CA ASN A 28 -0.64 12.84 11.47
C ASN A 28 -2.11 13.27 11.36
N VAL A 29 -2.67 13.13 10.16
CA VAL A 29 -4.09 13.38 9.88
C VAL A 29 -4.70 12.09 9.35
N LYS A 30 -5.94 11.83 9.77
CA LYS A 30 -6.61 10.54 9.49
C LYS A 30 -6.74 10.23 8.02
N ARG A 31 -7.07 11.23 7.22
CA ARG A 31 -7.32 11.06 5.81
C ARG A 31 -6.57 12.13 5.03
N LYS A 32 -5.75 11.68 4.09
CA LYS A 32 -4.87 12.58 3.34
C LYS A 32 -4.35 11.85 2.11
N ILE A 33 -3.94 12.63 1.11
CA ILE A 33 -3.51 12.06 -0.17
C ILE A 33 -2.35 12.85 -0.77
N ALA A 34 -1.42 12.09 -1.34
CA ALA A 34 -0.35 12.62 -2.16
C ALA A 34 -0.67 12.19 -3.58
N VAL A 35 -0.68 13.16 -4.50
CA VAL A 35 -1.06 12.89 -5.89
C VAL A 35 0.05 13.30 -6.84
N GLY A 36 0.45 12.36 -7.70
CA GLY A 36 1.43 12.61 -8.74
C GLY A 36 0.87 12.17 -10.07
N ILE A 37 0.94 13.07 -11.05
CA ILE A 37 0.45 12.79 -12.40
C ILE A 37 1.58 13.11 -13.37
N ASP A 38 2.03 12.07 -14.07
CA ASP A 38 3.13 12.16 -15.02
C ASP A 38 2.61 12.43 -16.44
N ASN A 39 2.91 13.62 -16.95
CA ASN A 39 2.52 14.04 -18.30
C ASN A 39 3.51 13.55 -19.33
N GLU A 40 3.15 12.47 -20.02
CA GLU A 40 3.92 11.99 -21.17
C GLU A 40 3.05 12.05 -22.44
N SER A 41 2.07 12.95 -22.43
CA SER A 41 1.01 13.03 -23.44
C SER A 41 1.45 13.62 -24.77
N GLY A 42 2.60 14.30 -24.77
CA GLY A 42 3.13 14.96 -25.96
C GLY A 42 2.74 16.42 -26.03
N LYS A 43 1.99 16.90 -25.04
CA LYS A 43 1.49 18.26 -25.03
C LYS A 43 1.42 18.86 -23.63
N THR A 44 1.55 20.18 -23.57
CA THR A 44 1.64 20.93 -22.32
C THR A 44 0.28 21.05 -21.65
N TRP A 45 0.27 20.94 -20.32
CA TRP A 45 -0.95 21.10 -19.53
C TRP A 45 -0.91 22.41 -18.73
N THR A 46 -2.06 23.08 -18.67
CA THR A 46 -2.23 24.31 -17.91
C THR A 46 -3.33 24.06 -16.88
N ALA A 47 -3.05 24.38 -15.62
CA ALA A 47 -4.02 24.15 -14.54
C ALA A 47 -5.26 24.99 -14.70
N MET A 48 -6.43 24.37 -14.52
CA MET A 48 -7.70 25.10 -14.44
C MET A 48 -8.08 25.29 -12.96
N ASN A 49 -8.50 24.20 -12.31
CA ASN A 49 -8.95 24.25 -10.93
C ASN A 49 -8.99 22.86 -10.30
N THR A 50 -9.31 22.82 -9.01
CA THR A 50 -9.65 21.58 -8.32
C THR A 50 -11.00 21.76 -7.64
N TYR A 51 -11.87 20.77 -7.77
CA TYR A 51 -13.13 20.74 -7.02
C TYR A 51 -13.00 19.75 -5.87
N PHE A 52 -13.26 20.22 -4.66
CA PHE A 52 -13.24 19.38 -3.48
C PHE A 52 -14.66 19.06 -3.02
N ARG A 53 -15.08 17.83 -3.27
CA ARG A 53 -16.35 17.34 -2.73
C ARG A 53 -16.22 17.25 -1.21
N SER A 54 -15.04 16.83 -0.76
CA SER A 54 -14.72 16.70 0.66
C SER A 54 -13.25 17.06 0.88
N GLY A 55 -12.98 17.80 1.96
CA GLY A 55 -11.63 18.13 2.35
C GLY A 55 -11.10 19.35 1.61
N THR A 56 -9.78 19.44 1.53
CA THR A 56 -9.15 20.64 0.99
C THR A 56 -7.67 20.43 0.73
N SER A 57 -7.03 21.48 0.19
CA SER A 57 -5.60 21.52 -0.03
C SER A 57 -5.08 22.92 0.23
N ASP A 58 -3.90 23.00 0.83
CA ASP A 58 -3.21 24.28 1.06
C ASP A 58 -2.37 24.67 -0.15
N ILE A 59 -2.36 23.83 -1.16
CA ILE A 59 -1.41 23.89 -2.26
C ILE A 59 -2.09 24.41 -3.52
N VAL A 60 -1.33 25.16 -4.32
CA VAL A 60 -1.77 25.58 -5.65
C VAL A 60 -1.44 24.42 -6.59
N LEU A 61 -2.33 24.12 -7.53
CA LEU A 61 -1.98 23.21 -8.63
C LEU A 61 -0.81 23.80 -9.41
N PRO A 62 0.22 22.98 -9.69
CA PRO A 62 1.28 23.48 -10.56
C PRO A 62 0.68 24.04 -11.85
N HIS A 63 1.01 25.29 -12.15
CA HIS A 63 0.37 26.05 -13.22
C HIS A 63 0.59 25.42 -14.60
N LYS A 64 1.86 25.21 -14.95
CA LYS A 64 2.23 24.64 -16.24
C LYS A 64 2.95 23.33 -16.02
N VAL A 65 2.53 22.30 -16.75
CA VAL A 65 3.12 20.97 -16.66
C VAL A 65 3.44 20.49 -18.08
N ALA A 66 4.70 20.58 -18.45
CA ALA A 66 5.13 20.26 -19.83
C ALA A 66 5.20 18.75 -20.03
N HIS A 67 5.19 18.33 -21.29
CA HIS A 67 5.48 16.94 -21.64
C HIS A 67 6.82 16.52 -21.02
N GLY A 68 6.81 15.39 -20.31
CA GLY A 68 8.01 14.87 -19.66
C GLY A 68 8.13 15.29 -18.21
N LYS A 69 7.14 16.06 -17.72
CA LYS A 69 7.11 16.49 -16.32
C LYS A 69 5.97 15.83 -15.57
N ALA A 70 6.16 15.65 -14.26
CA ALA A 70 5.10 15.20 -13.37
C ALA A 70 4.79 16.26 -12.34
N LEU A 71 3.50 16.48 -12.10
CA LEU A 71 3.06 17.43 -11.07
C LEU A 71 2.89 16.68 -9.76
N LEU A 72 3.20 17.36 -8.65
CA LEU A 72 2.99 16.81 -7.32
C LEU A 72 1.97 17.67 -6.59
N TYR A 73 0.99 16.99 -5.99
CA TYR A 73 -0.13 17.65 -5.35
C TYR A 73 -0.50 16.88 -4.08
N ASN A 74 -1.30 17.49 -3.23
CA ASN A 74 -1.80 16.81 -2.05
C ASN A 74 -3.13 17.39 -1.56
N GLY A 75 -3.81 16.63 -0.72
CA GLY A 75 -4.99 17.09 -0.01
C GLY A 75 -5.19 16.39 1.33
N GLN A 76 -6.09 16.92 2.15
CA GLN A 76 -6.42 16.32 3.43
C GLN A 76 -7.86 16.62 3.81
N LYS A 77 -8.34 15.94 4.84
CA LYS A 77 -9.71 16.13 5.30
C LYS A 77 -9.88 17.52 5.89
N ASN A 78 -11.12 17.96 5.95
CA ASN A 78 -11.43 19.22 6.61
C ASN A 78 -10.84 19.22 8.00
N ARG A 79 -10.29 20.36 8.41
CA ARG A 79 -9.84 20.50 9.78
C ARG A 79 -11.06 20.73 10.67
N GLY A 80 -11.98 21.58 10.21
CA GLY A 80 -13.18 22.00 10.94
C GLY A 80 -14.07 20.93 11.55
N PRO A 81 -15.27 21.32 12.02
CA PRO A 81 -16.10 20.44 12.85
C PRO A 81 -16.73 19.23 12.15
N VAL A 82 -16.80 19.25 10.81
CA VAL A 82 -17.42 18.15 10.06
C VAL A 82 -16.36 17.15 9.62
N ALA A 83 -16.44 15.93 10.14
CA ALA A 83 -15.49 14.87 9.75
C ALA A 83 -15.77 14.46 8.31
N THR A 84 -14.79 14.69 7.44
CA THR A 84 -14.90 14.34 6.05
C THR A 84 -13.70 13.51 5.67
N GLY A 85 -13.75 12.96 4.46
CA GLY A 85 -12.57 12.37 3.85
C GLY A 85 -11.86 13.40 3.00
N VAL A 86 -11.12 12.94 2.00
CA VAL A 86 -10.61 13.85 0.99
C VAL A 86 -11.00 13.29 -0.39
N VAL A 87 -11.85 14.02 -1.08
CA VAL A 87 -12.52 13.54 -2.28
C VAL A 87 -12.65 14.74 -3.19
N GLY A 88 -12.08 14.64 -4.39
CA GLY A 88 -12.14 15.74 -5.34
C GLY A 88 -11.79 15.41 -6.78
N VAL A 89 -11.74 16.45 -7.59
CA VAL A 89 -11.41 16.32 -9.00
C VAL A 89 -10.46 17.45 -9.42
N ILE A 90 -9.32 17.05 -9.97
CA ILE A 90 -8.36 17.97 -10.56
C ILE A 90 -8.68 18.11 -12.04
N ALA A 91 -8.70 19.34 -12.54
CA ALA A 91 -8.90 19.62 -13.98
C ALA A 91 -7.73 20.43 -14.56
N TYR A 92 -7.15 19.91 -15.65
CA TYR A 92 -6.09 20.59 -16.41
C TYR A 92 -6.53 20.81 -17.85
N SER A 93 -6.24 22.00 -18.39
CA SER A 93 -6.40 22.26 -19.82
C SER A 93 -5.20 21.72 -20.58
N MET A 94 -5.43 20.85 -21.54
CA MET A 94 -4.37 20.42 -22.46
C MET A 94 -4.37 21.36 -23.66
N SER A 95 -3.21 21.54 -24.30
CA SER A 95 -3.05 22.52 -25.38
C SER A 95 -3.75 22.14 -26.69
N ASP A 96 -4.44 21.01 -26.73
CA ASP A 96 -5.35 20.68 -27.83
C ASP A 96 -6.74 21.31 -27.66
N GLY A 97 -6.96 22.01 -26.55
CA GLY A 97 -8.28 22.57 -26.21
C GLY A 97 -9.07 21.69 -25.25
N ASN A 98 -8.59 20.48 -25.00
CA ASN A 98 -9.29 19.52 -24.15
C ASN A 98 -8.86 19.53 -22.69
N THR A 99 -9.67 18.88 -21.84
CA THR A 99 -9.48 18.88 -20.39
C THR A 99 -9.16 17.48 -19.86
N LEU A 100 -8.05 17.37 -19.13
CA LEU A 100 -7.73 16.15 -18.40
C LEU A 100 -8.28 16.29 -16.98
N ALA A 101 -9.10 15.31 -16.58
CA ALA A 101 -9.73 15.31 -15.25
C ALA A 101 -9.30 14.07 -14.49
N VAL A 102 -8.90 14.27 -13.23
CA VAL A 102 -8.55 13.17 -12.33
C VAL A 102 -9.41 13.20 -11.05
N LEU A 103 -10.07 12.08 -10.78
CA LEU A 103 -10.84 11.90 -9.53
C LEU A 103 -9.98 11.18 -8.49
N PHE A 104 -10.04 11.64 -7.25
CA PHE A 104 -9.61 10.83 -6.10
C PHE A 104 -10.72 10.82 -5.05
N SER A 105 -10.92 9.68 -4.39
CA SER A 105 -11.80 9.60 -3.23
C SER A 105 -11.16 8.77 -2.10
N VAL A 106 -10.82 9.44 -1.02
CA VAL A 106 -10.32 8.81 0.22
C VAL A 106 -11.34 9.14 1.31
N PRO A 107 -12.33 8.26 1.54
CA PRO A 107 -13.45 8.62 2.39
C PRO A 107 -13.10 8.59 3.88
N TYR A 108 -13.96 9.19 4.70
CA TYR A 108 -13.81 9.09 6.14
C TYR A 108 -14.26 7.72 6.66
N ASP A 109 -15.49 7.30 6.34
CA ASP A 109 -16.13 6.15 7.00
C ASP A 109 -16.01 4.86 6.17
N TYR A 110 -14.98 4.08 6.49
CA TYR A 110 -14.71 2.82 5.79
C TYR A 110 -15.69 1.67 6.11
N ASN A 111 -16.61 1.85 7.04
CA ASN A 111 -17.73 0.91 7.16
C ASN A 111 -18.64 0.92 5.93
N TRP A 112 -18.66 2.04 5.20
CA TRP A 112 -19.55 2.24 4.04
C TRP A 112 -18.80 2.45 2.74
N TYR A 113 -17.62 3.06 2.78
CA TYR A 113 -16.91 3.47 1.57
C TYR A 113 -15.49 2.90 1.45
N SER A 114 -14.91 2.98 0.26
CA SER A 114 -13.51 2.62 0.05
C SER A 114 -12.85 3.60 -0.91
N ASN A 115 -11.55 3.42 -1.15
CA ASN A 115 -10.78 4.31 -2.01
C ASN A 115 -11.14 4.12 -3.47
N TRP A 116 -11.32 5.23 -4.19
CA TRP A 116 -11.50 5.19 -5.65
C TRP A 116 -10.73 6.30 -6.35
N TRP A 117 -10.49 6.08 -7.63
CA TRP A 117 -9.91 7.10 -8.47
C TRP A 117 -10.42 6.93 -9.88
N ASN A 118 -10.18 7.94 -10.71
CA ASN A 118 -10.51 7.85 -12.11
C ASN A 118 -9.71 8.87 -12.91
N VAL A 119 -9.61 8.63 -14.21
CA VAL A 119 -8.97 9.57 -15.13
C VAL A 119 -9.82 9.61 -16.40
N ARG A 120 -10.16 10.81 -16.86
CA ARG A 120 -10.89 10.93 -18.13
C ARG A 120 -10.50 12.21 -18.86
N VAL A 121 -10.51 12.16 -20.18
CA VAL A 121 -10.32 13.35 -21.00
C VAL A 121 -11.70 13.84 -21.40
N TYR A 122 -11.99 15.09 -21.10
CA TYR A 122 -13.25 15.71 -21.50
C TYR A 122 -13.00 16.57 -22.73
N LYS A 123 -13.91 16.44 -23.69
CA LYS A 123 -13.90 17.24 -24.90
C LYS A 123 -14.10 18.71 -24.55
N GLY A 124 -13.18 19.57 -24.99
CA GLY A 124 -13.27 21.02 -24.73
C GLY A 124 -12.79 21.45 -23.36
N GLN A 125 -13.12 22.68 -23.00
CA GLN A 125 -12.70 23.32 -21.75
C GLN A 125 -13.78 23.16 -20.67
N LYS A 126 -13.49 22.34 -19.65
CA LYS A 126 -14.45 22.05 -18.59
C LYS A 126 -13.84 22.23 -17.20
N ARG A 127 -14.47 23.05 -16.35
CA ARG A 127 -14.02 23.22 -14.98
C ARG A 127 -14.43 22.00 -14.14
N ALA A 128 -13.59 21.67 -13.17
CA ALA A 128 -13.92 20.64 -12.20
C ALA A 128 -15.04 21.17 -11.32
N ASP A 129 -16.08 20.36 -11.11
CA ASP A 129 -17.22 20.76 -10.29
C ASP A 129 -17.99 19.53 -9.81
N GLN A 130 -19.09 19.77 -9.10
CA GLN A 130 -19.91 18.70 -8.52
C GLN A 130 -20.37 17.69 -9.56
N ARG A 131 -20.87 18.18 -10.69
CA ARG A 131 -21.35 17.33 -11.77
CA ARG A 131 -21.36 17.32 -11.76
C ARG A 131 -20.22 16.46 -12.32
N MET A 132 -19.05 17.06 -12.52
CA MET A 132 -17.92 16.27 -13.00
C MET A 132 -17.53 15.17 -12.01
N TYR A 133 -17.53 15.50 -10.72
CA TYR A 133 -17.27 14.50 -9.67
C TYR A 133 -18.26 13.33 -9.74
N GLU A 134 -19.55 13.64 -9.86
CA GLU A 134 -20.60 12.60 -9.95
C GLU A 134 -20.43 11.67 -11.15
N GLU A 135 -20.10 12.25 -12.31
CA GLU A 135 -19.85 11.44 -13.51
C GLU A 135 -18.69 10.48 -13.26
N LEU A 136 -17.55 11.02 -12.84
CA LEU A 136 -16.36 10.20 -12.61
C LEU A 136 -16.50 9.18 -11.46
N TYR A 137 -17.20 9.56 -10.39
CA TYR A 137 -17.38 8.68 -9.23
C TYR A 137 -18.45 7.60 -9.45
N TYR A 138 -19.58 7.98 -10.04
CA TYR A 138 -20.72 7.07 -10.17
C TYR A 138 -20.89 6.43 -11.54
N HIS A 139 -20.46 7.11 -12.60
CA HIS A 139 -20.88 6.76 -13.97
C HIS A 139 -19.80 6.40 -15.00
N ARG A 140 -18.54 6.77 -14.75
CA ARG A 140 -17.47 6.46 -15.71
C ARG A 140 -16.49 5.39 -15.21
N SER A 141 -17.01 4.36 -14.53
CA SER A 141 -16.22 3.18 -14.15
C SER A 141 -14.90 3.48 -13.41
N PRO A 142 -14.98 4.16 -12.25
CA PRO A 142 -13.73 4.45 -11.54
C PRO A 142 -12.98 3.21 -11.08
N PHE A 143 -11.67 3.36 -10.89
CA PHE A 143 -10.82 2.29 -10.39
C PHE A 143 -10.78 2.28 -8.87
N ARG A 144 -10.70 1.09 -8.28
CA ARG A 144 -10.47 0.96 -6.84
C ARG A 144 -9.04 1.34 -6.46
N GLY A 145 -8.91 1.93 -5.27
CA GLY A 145 -7.61 2.03 -4.61
C GLY A 145 -7.34 0.69 -3.98
N ASP A 146 -6.78 -0.21 -4.76
CA ASP A 146 -6.64 -1.61 -4.36
C ASP A 146 -5.18 -2.09 -4.38
N ASN A 147 -4.23 -1.16 -4.31
CA ASN A 147 -2.81 -1.52 -4.36
C ASN A 147 -2.41 -2.28 -5.62
N GLY A 148 -3.10 -2.00 -6.73
CA GLY A 148 -2.72 -2.56 -8.03
C GLY A 148 -2.78 -1.51 -9.12
N TRP A 149 -2.08 -1.79 -10.22
CA TRP A 149 -2.10 -0.97 -11.43
C TRP A 149 -3.30 -1.27 -12.34
N HIS A 150 -3.88 -0.22 -12.91
CA HIS A 150 -4.96 -0.35 -13.87
C HIS A 150 -4.63 0.53 -15.07
N SER A 151 -4.83 -0.01 -16.28
CA SER A 151 -4.59 0.74 -17.52
C SER A 151 -5.87 0.91 -18.32
N ARG A 152 -6.00 2.04 -19.00
CA ARG A 152 -7.17 2.29 -19.84
C ARG A 152 -6.92 3.36 -20.90
N GLY A 153 -7.32 3.09 -22.14
CA GLY A 153 -7.29 4.11 -23.20
C GLY A 153 -8.17 5.27 -22.77
N LEU A 154 -7.71 6.49 -23.00
CA LEU A 154 -8.53 7.67 -22.71
C LEU A 154 -9.22 8.21 -23.97
N GLY A 155 -8.87 7.66 -25.13
CA GLY A 155 -9.21 8.27 -26.40
C GLY A 155 -8.20 9.39 -26.65
N TYR A 156 -8.43 10.15 -27.71
CA TYR A 156 -7.55 11.27 -28.09
C TYR A 156 -6.11 10.83 -28.26
N GLY A 157 -5.91 9.53 -28.53
CA GLY A 157 -4.58 8.95 -28.63
C GLY A 157 -3.80 8.86 -27.32
N LEU A 158 -4.49 9.01 -26.19
CA LEU A 158 -3.83 8.95 -24.89
C LEU A 158 -4.31 7.75 -24.09
N LYS A 159 -3.43 7.25 -23.22
CA LYS A 159 -3.84 6.25 -22.25
C LYS A 159 -3.29 6.56 -20.87
N SER A 160 -3.91 5.96 -19.86
CA SER A 160 -3.51 6.14 -18.47
C SER A 160 -3.13 4.81 -17.88
N ARG A 161 -2.11 4.84 -17.03
CA ARG A 161 -1.75 3.72 -16.17
C ARG A 161 -1.60 4.33 -14.78
N GLY A 162 -2.37 3.81 -13.82
CA GLY A 162 -2.38 4.36 -12.47
C GLY A 162 -2.49 3.35 -11.36
N PHE A 163 -2.07 3.79 -10.17
CA PHE A 163 -2.00 3.00 -8.96
C PHE A 163 -2.48 3.85 -7.80
N MET A 164 -3.33 3.27 -6.95
CA MET A 164 -3.74 3.92 -5.73
C MET A 164 -3.75 2.87 -4.62
N ASN A 165 -3.20 3.22 -3.47
CA ASN A 165 -3.22 2.31 -2.32
C ASN A 165 -4.62 2.31 -1.67
N SER A 166 -4.81 1.43 -0.69
CA SER A 166 -6.13 1.16 -0.12
C SER A 166 -6.40 1.84 1.22
N SER A 167 -5.44 2.63 1.71
CA SER A 167 -5.50 3.13 3.08
C SER A 167 -5.90 4.60 3.13
N GLY A 168 -6.24 5.08 4.33
CA GLY A 168 -6.64 6.47 4.55
C GLY A 168 -5.48 7.43 4.38
N HIS A 169 -4.26 6.87 4.39
CA HIS A 169 -3.05 7.61 4.03
C HIS A 169 -2.72 7.18 2.62
N ALA A 170 -3.21 7.96 1.65
CA ALA A 170 -3.34 7.47 0.28
C ALA A 170 -2.32 8.11 -0.63
N ILE A 171 -1.73 7.30 -1.52
CA ILE A 171 -0.98 7.81 -2.68
C ILE A 171 -1.72 7.49 -3.98
N LEU A 172 -1.70 8.44 -4.91
CA LEU A 172 -2.29 8.23 -6.24
C LEU A 172 -1.25 8.62 -7.29
N GLU A 173 -0.82 7.63 -8.07
CA GLU A 173 0.21 7.83 -9.08
C GLU A 173 -0.34 7.50 -10.46
N ILE A 174 -0.31 8.48 -11.36
CA ILE A 174 -0.87 8.32 -12.70
C ILE A 174 0.12 8.74 -13.76
N HIS A 175 0.20 7.94 -14.82
CA HIS A 175 0.99 8.25 -16.01
C HIS A 175 0.06 8.38 -17.20
N VAL A 176 0.13 9.52 -17.90
CA VAL A 176 -0.66 9.76 -19.10
C VAL A 176 0.31 9.64 -20.27
N THR A 177 0.13 8.62 -21.11
CA THR A 177 1.02 8.35 -22.25
C THR A 177 0.28 8.32 -23.60
N LYS A 178 1.05 8.14 -24.66
CA LYS A 178 0.53 7.98 -26.02
C LYS A 178 0.11 6.54 -26.23
N ALA A 179 -1.08 6.35 -26.82
CA ALA A 179 -1.75 5.04 -26.89
C ALA A 179 -1.11 4.10 -27.92
N ASP B 3 10.93 0.66 18.22
CA ASP B 3 9.81 -0.18 18.75
C ASP B 3 8.58 -0.23 17.83
N VAL B 4 8.64 0.46 16.69
CA VAL B 4 7.51 0.52 15.75
C VAL B 4 7.68 -0.53 14.64
N ALA B 5 6.64 -0.74 13.85
CA ALA B 5 6.79 -1.45 12.60
C ALA B 5 7.67 -0.61 11.66
N GLY B 6 8.46 -1.30 10.85
CA GLY B 6 9.55 -0.69 10.11
C GLY B 6 10.86 -0.69 10.92
N ALA B 7 10.87 -1.35 12.08
CA ALA B 7 12.03 -1.35 12.97
C ALA B 7 12.65 -2.71 13.22
N VAL B 8 13.92 -2.67 13.63
CA VAL B 8 14.59 -3.82 14.22
C VAL B 8 14.93 -3.56 15.69
N ILE B 9 14.79 -4.59 16.52
CA ILE B 9 15.10 -4.54 17.96
C ILE B 9 16.04 -5.69 18.27
N ASP B 10 16.55 -5.74 19.50
CA ASP B 10 17.34 -6.89 19.93
C ASP B 10 16.43 -8.10 19.99
N GLY B 11 16.95 -9.26 19.62
CA GLY B 11 16.16 -10.50 19.56
C GLY B 11 15.37 -10.77 20.83
N ALA B 12 16.02 -10.59 21.98
CA ALA B 12 15.43 -10.90 23.30
C ALA B 12 14.21 -10.06 23.66
N GLY B 13 14.11 -8.87 23.05
CA GLY B 13 12.97 -7.98 23.25
C GLY B 13 11.71 -8.40 22.52
N LEU B 14 11.81 -9.32 21.56
CA LEU B 14 10.62 -9.80 20.86
C LEU B 14 9.75 -10.65 21.80
N GLY B 15 8.47 -10.31 21.89
CA GLY B 15 7.50 -11.03 22.73
C GLY B 15 6.10 -10.61 22.33
N PHE B 16 5.09 -11.17 22.98
CA PHE B 16 3.69 -10.84 22.65
C PHE B 16 3.39 -9.35 22.84
N ASP B 17 4.00 -8.74 23.86
CA ASP B 17 3.66 -7.38 24.24
C ASP B 17 3.98 -6.37 23.14
N VAL B 18 5.19 -6.43 22.57
CA VAL B 18 5.60 -5.47 21.54
C VAL B 18 4.74 -5.63 20.28
N LEU B 19 4.33 -6.86 19.99
CA LEU B 19 3.48 -7.12 18.84
C LEU B 19 2.09 -6.55 19.02
N LYS B 20 1.54 -6.65 20.23
CA LYS B 20 0.25 -6.05 20.56
C LYS B 20 0.29 -4.51 20.56
N THR B 21 1.43 -3.96 20.95
CA THR B 21 1.66 -2.51 20.88
C THR B 21 1.65 -2.06 19.40
N VAL B 22 2.31 -2.81 18.53
CA VAL B 22 2.26 -2.53 17.08
C VAL B 22 0.80 -2.59 16.55
N LEU B 23 0.11 -3.70 16.82
CA LEU B 23 -1.32 -3.83 16.45
C LEU B 23 -2.16 -2.63 16.86
N GLU B 24 -1.99 -2.17 18.08
CA GLU B 24 -2.81 -1.07 18.61
C GLU B 24 -2.55 0.22 17.84
N ALA B 25 -1.28 0.49 17.52
CA ALA B 25 -0.90 1.68 16.78
C ALA B 25 -1.50 1.75 15.37
N LEU B 26 -1.83 0.60 14.79
CA LEU B 26 -2.45 0.55 13.46
C LEU B 26 -3.85 1.18 13.41
N GLY B 27 -4.60 1.08 14.51
CA GLY B 27 -5.93 1.69 14.58
C GLY B 27 -7.06 0.71 14.31
N ASN B 28 -8.21 1.24 13.91
CA ASN B 28 -9.47 0.45 13.87
C ASN B 28 -9.65 -0.52 12.70
N VAL B 29 -8.71 -0.57 11.78
CA VAL B 29 -8.81 -1.50 10.67
C VAL B 29 -9.13 -2.92 11.19
N LYS B 30 -10.10 -3.57 10.56
CA LYS B 30 -10.74 -4.77 11.10
C LYS B 30 -9.93 -6.04 10.93
N ARG B 31 -9.04 -6.04 9.95
CA ARG B 31 -8.09 -7.13 9.80
C ARG B 31 -6.71 -6.56 9.72
N LYS B 32 -5.85 -7.03 10.62
CA LYS B 32 -4.49 -6.50 10.70
C LYS B 32 -3.62 -7.49 11.40
N ILE B 33 -2.31 -7.36 11.15
CA ILE B 33 -1.32 -8.26 11.70
C ILE B 33 -0.06 -7.49 12.09
N ALA B 34 0.53 -7.89 13.22
CA ALA B 34 1.86 -7.46 13.62
C ALA B 34 2.73 -8.69 13.56
N VAL B 35 3.82 -8.59 12.80
CA VAL B 35 4.76 -9.69 12.62
C VAL B 35 6.10 -9.33 13.25
N GLY B 36 6.63 -10.27 14.05
CA GLY B 36 7.96 -10.16 14.62
C GLY B 36 8.74 -11.42 14.32
N ILE B 37 9.95 -11.26 13.79
CA ILE B 37 10.81 -12.40 13.41
C ILE B 37 12.22 -12.19 13.97
N ASP B 38 12.64 -13.11 14.84
CA ASP B 38 13.88 -13.04 15.57
C ASP B 38 14.96 -13.81 14.79
N ASN B 39 15.98 -13.10 14.34
CA ASN B 39 17.07 -13.70 13.61
C ASN B 39 18.17 -14.16 14.55
N GLU B 40 18.13 -15.43 14.91
CA GLU B 40 19.25 -16.07 15.60
C GLU B 40 19.92 -17.09 14.67
N SER B 41 19.89 -16.81 13.37
CA SER B 41 20.32 -17.76 12.34
C SER B 41 21.83 -17.77 12.11
N GLY B 42 22.56 -16.86 12.75
CA GLY B 42 23.99 -16.69 12.48
C GLY B 42 24.27 -16.01 11.14
N LYS B 43 23.26 -15.40 10.53
CA LYS B 43 23.38 -14.78 9.20
C LYS B 43 22.67 -13.44 9.16
N THR B 44 23.22 -12.51 8.38
CA THR B 44 22.58 -11.23 8.13
C THR B 44 21.49 -11.41 7.07
N TRP B 45 20.27 -10.95 7.36
CA TRP B 45 19.16 -10.97 6.42
C TRP B 45 18.99 -9.60 5.76
N THR B 46 18.71 -9.61 4.46
CA THR B 46 18.45 -8.40 3.71
C THR B 46 17.06 -8.52 3.08
N ALA B 47 16.26 -7.46 3.17
CA ALA B 47 14.89 -7.48 2.64
C ALA B 47 14.91 -7.62 1.12
N MET B 48 14.11 -8.55 0.61
CA MET B 48 13.81 -8.63 -0.82
C MET B 48 12.46 -7.97 -1.13
N ASN B 49 11.35 -8.59 -0.71
CA ASN B 49 10.01 -8.05 -0.99
C ASN B 49 8.92 -8.74 -0.20
N THR B 50 7.72 -8.18 -0.28
CA THR B 50 6.54 -8.81 0.26
C THR B 50 5.51 -8.94 -0.84
N TYR B 51 4.92 -10.13 -0.98
CA TYR B 51 3.78 -10.30 -1.88
C TYR B 51 2.51 -10.37 -1.05
N PHE B 52 1.51 -9.61 -1.47
CA PHE B 52 0.19 -9.61 -0.84
C PHE B 52 -0.88 -10.24 -1.73
N ARG B 53 -1.42 -11.36 -1.29
CA ARG B 53 -2.60 -11.97 -1.92
C ARG B 53 -3.83 -11.12 -1.59
N SER B 54 -3.95 -10.73 -0.34
CA SER B 54 -4.96 -9.78 0.11
C SER B 54 -4.32 -8.76 1.02
N GLY B 55 -4.73 -7.50 0.88
CA GLY B 55 -4.35 -6.44 1.81
C GLY B 55 -3.04 -5.82 1.41
N THR B 56 -2.42 -5.10 2.35
CA THR B 56 -1.19 -4.40 2.06
C THR B 56 -0.49 -4.01 3.34
N SER B 57 0.63 -3.29 3.20
CA SER B 57 1.29 -2.64 4.34
C SER B 57 1.66 -1.21 3.97
N ASP B 58 1.44 -0.29 4.91
CA ASP B 58 1.82 1.12 4.74
C ASP B 58 3.32 1.38 4.99
N ILE B 59 4.05 0.39 5.51
CA ILE B 59 5.46 0.59 5.86
C ILE B 59 6.34 -0.39 5.05
N VAL B 60 7.65 -0.25 5.23
CA VAL B 60 8.67 -1.01 4.49
C VAL B 60 9.24 -2.14 5.36
N LEU B 61 9.48 -3.31 4.77
CA LEU B 61 10.23 -4.38 5.45
C LEU B 61 11.56 -3.80 5.96
N PRO B 62 11.89 -4.03 7.24
CA PRO B 62 13.18 -3.60 7.74
C PRO B 62 14.32 -4.10 6.85
N HIS B 63 15.12 -3.16 6.36
CA HIS B 63 16.08 -3.46 5.31
C HIS B 63 17.10 -4.49 5.77
N LYS B 64 17.73 -4.23 6.91
CA LYS B 64 18.81 -5.07 7.42
C LYS B 64 18.47 -5.66 8.78
N VAL B 65 18.59 -6.98 8.90
CA VAL B 65 18.33 -7.70 10.13
C VAL B 65 19.52 -8.61 10.44
N ALA B 66 20.45 -8.12 11.26
CA ALA B 66 21.62 -8.93 11.66
C ALA B 66 21.22 -10.06 12.61
N HIS B 67 22.18 -10.93 12.87
CA HIS B 67 22.04 -11.96 13.90
C HIS B 67 21.87 -11.31 15.26
N GLY B 68 20.92 -11.83 16.03
CA GLY B 68 20.61 -11.27 17.35
C GLY B 68 19.62 -10.12 17.27
N LYS B 69 19.11 -9.84 16.07
CA LYS B 69 18.08 -8.80 15.88
C LYS B 69 16.74 -9.41 15.46
N ALA B 70 15.65 -8.79 15.92
CA ALA B 70 14.32 -9.15 15.46
C ALA B 70 13.75 -8.00 14.62
N LEU B 71 13.05 -8.34 13.56
CA LEU B 71 12.39 -7.35 12.72
C LEU B 71 10.93 -7.23 13.11
N LEU B 72 10.42 -6.00 13.07
CA LEU B 72 9.01 -5.73 13.36
C LEU B 72 8.38 -5.24 12.07
N TYR B 73 7.23 -5.83 11.74
CA TYR B 73 6.50 -5.53 10.50
C TYR B 73 5.01 -5.55 10.79
N ASN B 74 4.23 -5.07 9.84
CA ASN B 74 2.78 -5.13 9.97
C ASN B 74 2.11 -5.09 8.61
N GLY B 75 0.82 -5.42 8.62
CA GLY B 75 -0.03 -5.37 7.42
C GLY B 75 -1.49 -5.18 7.83
N GLN B 76 -2.34 -4.88 6.85
CA GLN B 76 -3.76 -4.62 7.10
C GLN B 76 -4.56 -4.88 5.82
N LYS B 77 -5.85 -5.18 5.99
CA LYS B 77 -6.71 -5.40 4.84
C LYS B 77 -6.88 -4.10 4.05
N ASN B 78 -7.26 -4.21 2.78
CA ASN B 78 -7.73 -3.04 2.04
C ASN B 78 -8.89 -2.47 2.82
N ARG B 79 -8.89 -1.16 3.02
CA ARG B 79 -9.92 -0.50 3.84
C ARG B 79 -11.26 -0.44 3.12
N GLY B 80 -12.32 -0.67 3.87
CA GLY B 80 -13.66 -0.52 3.33
C GLY B 80 -14.43 -1.82 3.33
N PRO B 81 -15.69 -1.76 2.89
CA PRO B 81 -16.58 -2.91 2.94
C PRO B 81 -16.31 -3.89 1.78
N VAL B 82 -15.08 -4.38 1.74
CA VAL B 82 -14.63 -5.40 0.79
C VAL B 82 -14.39 -6.58 1.69
N ALA B 83 -14.76 -7.76 1.25
CA ALA B 83 -14.80 -8.90 2.13
C ALA B 83 -13.47 -9.65 2.00
N THR B 84 -12.38 -8.94 2.32
CA THR B 84 -11.02 -9.51 2.19
C THR B 84 -10.15 -9.20 3.40
N GLY B 85 -9.10 -10.00 3.58
CA GLY B 85 -8.25 -9.91 4.76
C GLY B 85 -6.86 -9.39 4.45
N VAL B 86 -5.88 -9.83 5.22
CA VAL B 86 -4.48 -9.56 4.96
C VAL B 86 -3.73 -10.89 4.92
N VAL B 87 -3.18 -11.18 3.74
CA VAL B 87 -2.66 -12.50 3.36
C VAL B 87 -1.45 -12.23 2.46
N GLY B 88 -0.29 -12.75 2.82
CA GLY B 88 0.89 -12.50 2.00
C GLY B 88 2.13 -13.27 2.42
N VAL B 89 3.23 -12.98 1.71
CA VAL B 89 4.51 -13.59 1.99
C VAL B 89 5.63 -12.55 2.04
N ILE B 90 6.45 -12.65 3.08
CA ILE B 90 7.66 -11.84 3.24
C ILE B 90 8.84 -12.68 2.79
N ALA B 91 9.73 -12.09 1.99
CA ALA B 91 10.97 -12.75 1.58
C ALA B 91 12.21 -11.95 1.99
N TYR B 92 13.17 -12.60 2.66
CA TYR B 92 14.48 -12.03 3.00
C TYR B 92 15.61 -12.84 2.36
N SER B 93 16.54 -12.13 1.71
CA SER B 93 17.81 -12.73 1.34
C SER B 93 18.64 -13.01 2.61
N MET B 94 19.17 -14.23 2.71
CA MET B 94 20.15 -14.54 3.74
C MET B 94 21.54 -14.48 3.14
N SER B 95 22.55 -14.22 3.98
CA SER B 95 23.93 -14.03 3.52
C SER B 95 24.53 -15.27 2.85
N ASP B 96 23.96 -16.44 3.12
CA ASP B 96 24.38 -17.71 2.51
C ASP B 96 23.94 -17.85 1.04
N GLY B 97 23.16 -16.89 0.56
CA GLY B 97 22.66 -16.91 -0.82
C GLY B 97 21.24 -17.44 -0.91
N ASN B 98 20.63 -17.81 0.21
CA ASN B 98 19.31 -18.44 0.22
C ASN B 98 18.22 -17.49 0.70
N THR B 99 16.97 -17.94 0.60
CA THR B 99 15.83 -17.09 0.89
C THR B 99 14.98 -17.65 2.05
N LEU B 100 14.68 -16.78 3.02
CA LEU B 100 13.75 -17.10 4.10
C LEU B 100 12.42 -16.49 3.74
N ALA B 101 11.38 -17.32 3.70
CA ALA B 101 10.03 -16.90 3.34
C ALA B 101 9.11 -17.12 4.52
N VAL B 102 8.24 -16.15 4.77
CA VAL B 102 7.24 -16.28 5.83
C VAL B 102 5.83 -15.99 5.29
N LEU B 103 4.91 -16.92 5.54
CA LEU B 103 3.52 -16.78 5.17
C LEU B 103 2.70 -16.31 6.36
N PHE B 104 1.74 -15.42 6.09
CA PHE B 104 0.68 -15.11 7.05
C PHE B 104 -0.64 -15.03 6.31
N SER B 105 -1.69 -15.52 6.94
CA SER B 105 -3.05 -15.42 6.40
C SER B 105 -4.05 -15.04 7.51
N VAL B 106 -4.66 -13.87 7.37
CA VAL B 106 -5.67 -13.41 8.32
C VAL B 106 -6.91 -13.11 7.49
N PRO B 107 -7.81 -14.09 7.35
CA PRO B 107 -8.94 -13.96 6.42
C PRO B 107 -10.04 -13.02 6.92
N TYR B 108 -10.89 -12.56 6.00
CA TYR B 108 -12.05 -11.75 6.39
C TYR B 108 -13.14 -12.62 7.04
N ASP B 109 -13.40 -13.77 6.44
CA ASP B 109 -14.58 -14.57 6.76
C ASP B 109 -14.24 -15.84 7.54
N TYR B 110 -14.38 -15.79 8.85
CA TYR B 110 -14.01 -16.93 9.69
C TYR B 110 -15.00 -18.09 9.67
N ASN B 111 -16.13 -17.93 8.97
CA ASN B 111 -17.02 -19.06 8.71
C ASN B 111 -16.47 -20.02 7.65
N TRP B 112 -15.49 -19.57 6.86
CA TRP B 112 -14.88 -20.40 5.84
C TRP B 112 -13.37 -20.58 5.98
N TYR B 113 -12.68 -19.64 6.60
CA TYR B 113 -11.22 -19.68 6.70
C TYR B 113 -10.77 -19.46 8.13
N SER B 114 -9.49 -19.77 8.37
CA SER B 114 -8.83 -19.56 9.66
C SER B 114 -7.50 -18.89 9.40
N ASN B 115 -6.89 -18.39 10.47
CA ASN B 115 -5.53 -17.87 10.44
C ASN B 115 -4.53 -18.98 10.15
N TRP B 116 -3.55 -18.70 9.29
CA TRP B 116 -2.46 -19.65 9.01
C TRP B 116 -1.12 -18.94 8.88
N TRP B 117 -0.05 -19.68 9.12
CA TRP B 117 1.30 -19.17 8.86
C TRP B 117 2.26 -20.29 8.48
N ASN B 118 3.42 -19.90 7.97
CA ASN B 118 4.44 -20.85 7.57
C ASN B 118 5.81 -20.19 7.43
N VAL B 119 6.86 -21.01 7.53
CA VAL B 119 8.23 -20.54 7.36
C VAL B 119 8.97 -21.58 6.55
N ARG B 120 9.75 -21.12 5.58
CA ARG B 120 10.53 -22.03 4.74
C ARG B 120 11.77 -21.33 4.19
N VAL B 121 12.85 -22.10 4.00
CA VAL B 121 14.01 -21.59 3.30
C VAL B 121 13.96 -22.13 1.89
N TYR B 122 14.08 -21.23 0.91
CA TYR B 122 14.19 -21.62 -0.49
C TYR B 122 15.66 -21.51 -0.90
N LYS B 123 16.09 -22.44 -1.75
CA LYS B 123 17.44 -22.41 -2.29
C LYS B 123 17.58 -21.26 -3.29
N GLY B 124 18.57 -20.41 -3.07
CA GLY B 124 18.85 -19.29 -3.97
C GLY B 124 18.05 -18.05 -3.63
N GLN B 125 18.06 -17.10 -4.58
CA GLN B 125 17.35 -15.84 -4.44
C GLN B 125 15.99 -15.94 -5.12
N LYS B 126 14.93 -15.94 -4.30
CA LYS B 126 13.55 -16.07 -4.78
C LYS B 126 12.68 -14.95 -4.22
N ARG B 127 12.09 -14.16 -5.11
CA ARG B 127 11.15 -13.12 -4.69
C ARG B 127 9.85 -13.75 -4.23
N ALA B 128 9.16 -13.09 -3.31
CA ALA B 128 7.85 -13.52 -2.88
C ALA B 128 6.86 -13.19 -3.99
N ASP B 129 5.97 -14.13 -4.32
CA ASP B 129 4.97 -13.94 -5.38
C ASP B 129 3.76 -14.88 -5.17
N GLN B 130 2.82 -14.86 -6.11
CA GLN B 130 1.59 -15.68 -6.01
C GLN B 130 1.95 -17.16 -5.86
N ARG B 131 2.88 -17.62 -6.70
CA ARG B 131 3.37 -19.01 -6.67
CA ARG B 131 3.30 -19.02 -6.65
C ARG B 131 3.85 -19.40 -5.28
N MET B 132 4.65 -18.53 -4.67
CA MET B 132 5.23 -18.82 -3.37
C MET B 132 4.14 -18.85 -2.31
N TYR B 133 3.23 -17.89 -2.40
CA TYR B 133 2.07 -17.84 -1.51
C TYR B 133 1.31 -19.17 -1.58
N GLU B 134 1.03 -19.64 -2.79
CA GLU B 134 0.30 -20.91 -2.99
C GLU B 134 1.05 -22.13 -2.42
N GLU B 135 2.34 -22.24 -2.72
CA GLU B 135 3.17 -23.31 -2.14
C GLU B 135 3.09 -23.35 -0.61
N LEU B 136 3.32 -22.21 0.03
CA LEU B 136 3.35 -22.14 1.50
C LEU B 136 1.97 -22.35 2.13
N TYR B 137 0.91 -21.88 1.46
CA TYR B 137 -0.45 -21.99 1.97
C TYR B 137 -1.06 -23.36 1.68
N TYR B 138 -0.79 -23.92 0.50
CA TYR B 138 -1.43 -25.17 0.08
C TYR B 138 -0.54 -26.40 0.11
N HIS B 139 0.77 -26.24 -0.11
CA HIS B 139 1.65 -27.40 -0.36
C HIS B 139 2.59 -27.76 0.78
N ARG B 140 3.05 -26.76 1.53
CA ARG B 140 4.12 -26.97 2.50
C ARG B 140 3.65 -26.97 3.97
N SER B 141 2.52 -27.63 4.22
CA SER B 141 2.06 -27.94 5.59
C SER B 141 2.09 -26.75 6.57
N PRO B 142 1.33 -25.68 6.28
CA PRO B 142 1.35 -24.51 7.14
C PRO B 142 0.79 -24.77 8.55
N PHE B 143 1.14 -23.89 9.50
CA PHE B 143 0.67 -24.01 10.87
C PHE B 143 -0.59 -23.15 11.05
N ARG B 144 -1.54 -23.68 11.81
CA ARG B 144 -2.75 -22.93 12.13
C ARG B 144 -2.41 -21.82 13.16
N GLY B 145 -3.09 -20.69 13.02
CA GLY B 145 -3.05 -19.64 14.03
C GLY B 145 -4.03 -20.05 15.12
N ASP B 146 -3.53 -20.90 16.04
CA ASP B 146 -4.37 -21.60 17.02
C ASP B 146 -3.99 -21.26 18.47
N ASN B 147 -3.28 -20.14 18.69
CA ASN B 147 -2.92 -19.71 20.05
C ASN B 147 -1.98 -20.69 20.74
N GLY B 148 -1.16 -21.38 19.95
CA GLY B 148 -0.20 -22.35 20.45
C GLY B 148 1.07 -22.29 19.63
N TRP B 149 2.17 -22.71 20.24
CA TRP B 149 3.49 -22.69 19.60
C TRP B 149 3.67 -23.90 18.69
N HIS B 150 4.50 -23.73 17.67
CA HIS B 150 4.81 -24.79 16.70
C HIS B 150 6.26 -24.72 16.22
N SER B 151 6.95 -25.86 16.32
CA SER B 151 8.36 -25.97 15.95
C SER B 151 8.56 -26.85 14.72
N ARG B 152 9.55 -26.52 13.90
CA ARG B 152 9.91 -27.37 12.75
C ARG B 152 11.33 -27.10 12.22
N GLY B 153 12.02 -28.16 11.83
CA GLY B 153 13.31 -28.04 11.15
C GLY B 153 13.12 -27.38 9.81
N LEU B 154 14.04 -26.50 9.44
CA LEU B 154 13.96 -25.76 8.17
C LEU B 154 14.94 -26.30 7.13
N GLY B 155 15.93 -27.07 7.58
CA GLY B 155 17.07 -27.41 6.75
C GLY B 155 18.10 -26.30 6.85
N TYR B 156 19.20 -26.43 6.10
CA TYR B 156 20.25 -25.42 6.06
C TYR B 156 20.79 -25.04 7.45
N GLY B 157 20.80 -26.00 8.37
CA GLY B 157 21.26 -25.78 9.74
C GLY B 157 20.37 -24.91 10.59
N LEU B 158 19.12 -24.72 10.19
CA LEU B 158 18.20 -23.84 10.93
C LEU B 158 16.92 -24.56 11.35
N LYS B 159 16.22 -23.95 12.29
CA LYS B 159 14.88 -24.38 12.70
C LYS B 159 14.03 -23.16 13.05
N SER B 160 12.71 -23.34 13.05
CA SER B 160 11.80 -22.26 13.38
C SER B 160 10.93 -22.63 14.57
N ARG B 161 10.57 -21.63 15.36
CA ARG B 161 9.55 -21.77 16.39
C ARG B 161 8.69 -20.52 16.39
N GLY B 162 7.38 -20.71 16.35
CA GLY B 162 6.49 -19.58 16.17
C GLY B 162 5.11 -19.77 16.72
N PHE B 163 4.45 -18.63 16.94
CA PHE B 163 3.14 -18.55 17.57
C PHE B 163 2.29 -17.59 16.77
N MET B 164 1.03 -17.93 16.59
CA MET B 164 0.07 -16.99 16.00
C MET B 164 -1.28 -17.24 16.65
N ASN B 165 -1.99 -16.15 16.94
CA ASN B 165 -3.32 -16.23 17.54
C ASN B 165 -4.37 -16.42 16.45
N SER B 166 -5.63 -16.63 16.85
CA SER B 166 -6.70 -17.02 15.94
C SER B 166 -7.62 -15.88 15.46
N SER B 167 -7.41 -14.68 15.97
CA SER B 167 -8.36 -13.59 15.72
C SER B 167 -7.91 -12.70 14.54
N GLY B 168 -8.81 -11.80 14.15
CA GLY B 168 -8.57 -10.88 13.02
C GLY B 168 -7.59 -9.77 13.35
N HIS B 169 -7.33 -9.58 14.63
CA HIS B 169 -6.24 -8.73 15.09
C HIS B 169 -5.12 -9.68 15.49
N ALA B 170 -4.25 -9.95 14.52
CA ALA B 170 -3.35 -11.09 14.63
C ALA B 170 -1.95 -10.67 15.07
N ILE B 171 -1.30 -11.50 15.91
CA ILE B 171 0.14 -11.42 16.12
C ILE B 171 0.78 -12.70 15.59
N LEU B 172 1.97 -12.55 15.01
CA LEU B 172 2.77 -13.66 14.54
C LEU B 172 4.20 -13.48 15.06
N GLU B 173 4.64 -14.35 15.96
CA GLU B 173 5.98 -14.28 16.56
C GLU B 173 6.80 -15.47 16.11
N ILE B 174 7.88 -15.22 15.38
CA ILE B 174 8.72 -16.31 14.87
C ILE B 174 10.17 -16.14 15.31
N HIS B 175 10.77 -17.24 15.74
CA HIS B 175 12.20 -17.30 16.11
C HIS B 175 12.93 -18.29 15.20
N VAL B 176 13.98 -17.82 14.54
CA VAL B 176 14.80 -18.68 13.68
C VAL B 176 16.16 -18.87 14.35
N THR B 177 16.45 -20.09 14.77
CA THR B 177 17.67 -20.40 15.52
C THR B 177 18.50 -21.45 14.78
N LYS B 178 19.67 -21.76 15.32
CA LYS B 178 20.51 -22.80 14.74
C LYS B 178 19.93 -24.17 15.10
N ALA B 179 20.08 -25.13 14.20
CA ALA B 179 19.40 -26.42 14.31
C ALA B 179 20.17 -27.38 15.22
CAA HXG C . -22.95 -3.04 6.93
CAJ HXG C . -21.99 -2.49 5.90
CAL HXG C . -22.71 -2.39 4.57
CAN HXG C . -21.70 -2.23 3.41
CAQ HXG C . -22.02 -0.98 2.54
CAZ HXG C . -21.96 -1.25 1.03
OAF HXG C . -22.22 -2.37 0.59
OAV HXG C . -21.65 -0.17 0.21
CAT HXG C . -22.32 1.06 0.58
CBB HXG C . -22.53 2.06 -0.59
OAY HXG C . -23.70 2.83 -0.28
CBA HXG C . -23.54 3.85 0.64
OAG HXG C . -22.74 3.82 1.57
CAR HXG C . -24.36 5.09 0.35
CAO HXG C . -24.75 5.79 1.65
CAM HXG C . -25.02 4.77 2.75
CAK HXG C . -25.84 5.56 3.75
CAB HXG C . -25.83 4.73 5.04
CAU HXG C . -21.34 3.00 -0.77
OAX HXG C . -20.81 2.69 -2.07
PBD HXG C . -20.42 3.82 -3.22
OAI HXG C . -18.94 4.34 -2.90
OAH HXG C . -21.40 4.94 -3.31
OAW HXG C . -20.29 2.89 -4.58
CAP HXG C . -19.01 2.50 -4.95
CAS HXG C . -19.08 2.12 -6.41
NBC HXG C . -18.92 3.36 -7.25
CAD HXG C . -17.65 4.07 -6.93
CAE HXG C . -20.06 4.29 -7.07
CAC HXG C . -18.83 2.95 -8.67
CAA HXG D . -25.71 9.65 5.77
CAJ HXG D . -24.39 9.35 5.07
CAL HXG D . -23.38 8.78 6.08
CAN HXG D . -22.16 8.19 5.36
CAQ HXG D . -20.91 8.21 6.26
CAZ HXG D . -20.24 9.59 6.29
OAF HXG D . -19.18 9.77 6.89
OAV HXG D . -20.93 10.58 5.65
CAT HXG D . -20.12 11.19 4.64
CBB HXG D . -19.72 12.61 5.10
OAY HXG D . -20.04 12.76 6.49
CBA HXG D . -20.37 14.05 6.76
OAG HXG D . -19.55 14.93 7.05
CAR HXG D . -21.85 14.37 6.63
CAO HXG D . -22.29 15.01 7.93
CAM HXG D . -21.77 14.11 9.05
CAK HXG D . -22.44 14.43 10.38
CAB HXG D . -22.59 15.95 10.55
CAU HXG D . -18.25 12.93 4.87
OAX HXG D . -17.60 11.73 4.38
PBD HXG D . -16.85 11.65 2.98
OAI HXG D . -16.04 10.28 3.09
OAH HXG D . -15.97 12.82 2.76
OAW HXG D . -17.99 11.46 1.88
CAP HXG D . -18.45 10.18 1.49
CAS HXG D . -17.58 9.84 0.30
NBC HXG D . -18.28 10.06 -0.99
CAD HXG D . -17.33 9.78 -2.08
CAE HXG D . -18.69 11.49 -1.06
CAC HXG D . -19.47 9.26 -1.27
CAA HXG E . -32.79 12.73 3.20
CAJ HXG E . -32.17 11.71 2.23
CAL HXG E . -30.91 11.08 2.85
CAN HXG E . -29.88 10.78 1.75
CAQ HXG E . -29.00 12.02 1.49
CAZ HXG E . -28.24 11.89 0.16
OAF HXG E . -28.80 11.59 -0.89
OAV HXG E . -26.91 12.20 0.24
CAT HXG E . -26.06 11.34 -0.53
CBB HXG E . -24.61 11.73 -0.22
OAY HXG E . -24.30 11.22 1.10
CBA HXG E . -23.45 11.98 1.84
OAG HXG E . -22.32 11.62 2.17
CAR HXG E . -23.98 13.35 2.24
CAO HXG E . -24.10 13.34 3.76
CAM HXG E . -25.55 13.00 4.06
CAK HXG E . -25.69 13.03 5.58
CAB HXG E . -26.33 14.38 5.93
CAU HXG E . -23.63 11.18 -1.25
OAX HXG E . -23.03 12.37 -1.81
PBD HXG E . -22.64 12.63 -3.37
OAI HXG E . -21.49 11.59 -3.76
OAH HXG E . -22.18 14.02 -3.53
OAW HXG E . -23.95 12.34 -4.25
CAP HXG E . -25.11 13.03 -3.84
CAS HXG E . -25.64 13.77 -5.05
NBC HXG E . -26.54 12.90 -5.88
CAD HXG E . -27.15 13.74 -6.95
CAE HXG E . -27.67 12.31 -5.13
CAC HXG E . -25.77 11.81 -6.54
S SO4 F . -9.00 4.70 11.28
O1 SO4 F . -8.03 3.77 10.69
O2 SO4 F . -10.33 4.45 10.67
O3 SO4 F . -9.03 4.48 12.75
O4 SO4 F . -8.56 6.09 10.99
P PO4 G . -17.21 13.94 -23.78
O1 PO4 G . -15.89 13.23 -23.49
O2 PO4 G . -18.38 12.99 -23.62
O3 PO4 G . -17.34 15.11 -22.84
O4 PO4 G . -17.21 14.44 -25.20
P PO4 H . -26.86 9.42 -9.75
O1 PO4 H . -27.43 8.63 -10.91
O2 PO4 H . -26.26 8.48 -8.71
O3 PO4 H . -27.98 10.22 -9.13
O4 PO4 H . -25.76 10.34 -10.24
P PO4 I . -17.01 19.97 3.20
O1 PO4 I . -17.99 18.98 2.61
O2 PO4 I . -15.65 19.30 3.29
O3 PO4 I . -17.48 20.38 4.58
O4 PO4 I . -16.92 21.18 2.32
CAA HXG J . -19.23 -15.55 1.36
CAJ HXG J . -18.58 -16.84 0.85
CAL HXG J . -17.15 -16.95 1.40
CAN HXG J . -16.13 -16.15 0.57
CAQ HXG J . -15.93 -16.73 -0.83
CAZ HXG J . -14.52 -16.44 -1.38
OAF HXG J . -14.14 -17.00 -2.41
OAV HXG J . -13.78 -15.53 -0.68
CAT HXG J . -12.35 -15.70 -0.74
CBB HXG J . -11.72 -14.35 -1.11
OAY HXG J . -12.64 -13.30 -0.79
CBA HXG J . -12.93 -12.50 -1.86
OAG HXG J . -12.44 -12.62 -2.97
CAR HXG J . -13.82 -11.34 -1.53
CAO HXG J . -14.98 -11.33 -2.52
CAM HXG J . -16.10 -11.83 -1.63
CAK HXG J . -17.29 -12.17 -2.49
CAB HXG J . -17.25 -13.70 -2.67
CAU HXG J . -10.39 -14.13 -0.40
OAX HXG J . -10.65 -13.42 0.83
PBD HXG J . -9.47 -13.31 1.98
OAI HXG J . -10.21 -13.29 3.38
OAH HXG J . -8.61 -12.11 1.78
OAW HXG J . -8.69 -14.65 1.78
CAP HXG J . -8.40 -15.61 2.75
CAS HXG J . -8.56 -16.95 2.02
NBC HXG J . -7.34 -17.26 1.19
CAD HXG J . -6.15 -17.39 2.07
CAE HXG J . -7.05 -16.27 0.16
CAC HXG J . -7.59 -18.53 0.48
CAA HXG K . -13.54 -22.67 9.20
CAJ HXG K . -13.46 -24.19 9.10
CAL HXG K . -14.15 -24.67 7.82
CAN HXG K . -13.56 -26.02 7.39
CAQ HXG K . -14.45 -26.70 6.34
CAZ HXG K . -14.43 -25.95 5.00
OAF HXG K . -15.49 -25.71 4.41
OAV HXG K . -13.18 -25.61 4.53
CAT HXG K . -13.27 -24.96 3.24
CBB HXG K . -11.88 -24.59 2.65
OAY HXG K . -12.05 -24.14 1.28
CBA HXG K . -13.04 -23.23 1.11
OAG HXG K . -12.95 -22.06 1.47
CAR HXG K . -14.34 -23.78 0.52
CAO HXG K . -15.00 -22.66 -0.30
CAM HXG K . -15.62 -21.73 0.73
CAK HXG K . -16.17 -20.57 -0.10
CAB HXG K . -17.57 -20.31 0.46
CAU HXG K . -11.24 -23.52 3.48
OAX HXG K . -10.01 -24.05 4.02
PBD HXG K . -8.53 -23.48 3.53
OAI HXG K . -8.19 -22.26 4.57
OAH HXG K . -8.49 -23.08 2.10
OAW HXG K . -7.50 -24.68 3.83
CAP HXG K . -7.00 -24.95 5.10
CAS HXG K . -5.85 -25.93 4.89
NBC HXG K . -4.67 -25.31 4.19
CAD HXG K . -4.20 -24.09 4.89
CAE HXG K . -4.96 -24.99 2.77
CAC HXG K . -3.55 -26.27 4.24
S SO4 L . -5.92 -18.44 -4.00
O1 SO4 L . -6.07 -19.68 -4.81
O2 SO4 L . -5.61 -18.74 -2.59
O3 SO4 L . -7.20 -17.68 -4.07
O4 SO4 L . -4.84 -17.60 -4.59
S SO4 M . -12.10 -1.56 7.72
O1 SO4 M . -12.00 -3.03 7.76
O2 SO4 M . -11.29 -1.05 6.61
O3 SO4 M . -11.54 -0.99 8.97
O4 SO4 M . -13.50 -1.14 7.54
P PO4 N . 13.92 -25.18 -2.83
O1 PO4 N . 14.73 -26.17 -3.65
O2 PO4 N . 12.54 -25.74 -2.59
O3 PO4 N . 14.61 -24.95 -1.51
O4 PO4 N . 13.82 -23.87 -3.59
P PO4 O . 24.11 -1.95 2.31
O1 PO4 O . 22.81 -2.64 1.98
O2 PO4 O . 23.82 -0.56 2.81
O3 PO4 O . 24.82 -2.73 3.39
O4 PO4 O . 24.97 -1.87 1.09
P PO4 P . -14.06 -6.62 14.23
O1 PO4 P . -14.39 -7.64 13.15
O2 PO4 P . -12.57 -6.38 14.27
O3 PO4 P . -14.52 -7.15 15.57
O4 PO4 P . -14.77 -5.31 13.92
#